data_7QTE
#
_entry.id   7QTE
#
_cell.length_a   116.077
_cell.length_b   142.910
_cell.length_c   109.072
_cell.angle_alpha   90.000
_cell.angle_beta   90.000
_cell.angle_gamma   90.000
#
_symmetry.space_group_name_H-M   'C 2 2 21'
#
loop_
_entity.id
_entity.type
_entity.pdbx_description
1 polymer PlaO1
2 non-polymer '3[N-MORPHOLINO]PROPANE SULFONIC ACID'
3 non-polymer 'COBALT (II) ION'
4 non-polymer 'SUCCINIC ACID'
5 non-polymer 'SODIUM ION'
6 water water
#
_entity_poly.entity_id   1
_entity_poly.type   'polypeptide(L)'
_entity_poly.pdbx_seq_one_letter_code
;MSDIITTAFEVRPLTSALGAEIHGVRLEDITDADFAELRRLLLKHLVIFIPDQEGWSAESRIAFGRRFGELEEHAYLPHL
DGHPQIQIIDSEQNGKIPIWHTDMTYAPNPPIGSVLQIVDGPAQGGDTMWSNQYLAYEGLSAPLRDLLDGLTAVHSIHIP
GLDSQAEHPVVRVHPETGRRALFVNRAHTSHIAQLNRNESDALLQYLYRFSTSPEFTCRYQWRPGSVAIWDNRVTQHYAV
DDYSEHRRGLRVVVLGDTPSGDKPRWDHYRPVPGQRYVPDWVNAKEAYGKLENLYFQ
;
_entity_poly.pdbx_strand_id   A,B
#
loop_
_chem_comp.id
_chem_comp.type
_chem_comp.name
_chem_comp.formula
CO non-polymer 'COBALT (II) ION' 'Co 2'
MPO non-polymer '3[N-MORPHOLINO]PROPANE SULFONIC ACID' 'C7 H15 N O4 S'
NA non-polymer 'SODIUM ION' 'Na 1'
SIN non-polymer 'SUCCINIC ACID' 'C4 H6 O4'
#
# COMPACT_ATOMS: atom_id res chain seq x y z
N ALA A 8 -17.24 13.40 2.64
CA ALA A 8 -17.03 14.77 3.09
C ALA A 8 -16.08 15.50 2.14
N PHE A 9 -15.07 14.82 1.62
CA PHE A 9 -14.17 15.45 0.66
C PHE A 9 -14.89 15.68 -0.65
N GLU A 10 -14.74 16.87 -1.20
CA GLU A 10 -15.19 17.09 -2.57
C GLU A 10 -13.95 17.10 -3.46
N VAL A 11 -13.96 16.25 -4.47
CA VAL A 11 -12.84 16.06 -5.36
C VAL A 11 -13.12 16.78 -6.67
N ARG A 12 -12.22 17.66 -7.08
N ARG A 12 -12.19 17.63 -7.10
CA ARG A 12 -12.34 18.39 -8.35
CA ARG A 12 -12.31 18.40 -8.33
C ARG A 12 -11.12 18.07 -9.22
C ARG A 12 -11.12 18.09 -9.23
N PRO A 13 -11.24 17.15 -10.18
CA PRO A 13 -10.10 16.85 -11.04
C PRO A 13 -9.71 18.06 -11.88
N LEU A 14 -8.40 18.22 -12.08
CA LEU A 14 -7.89 19.28 -12.97
C LEU A 14 -8.01 18.89 -14.43
N THR A 15 -7.55 17.69 -14.77
CA THR A 15 -7.63 17.17 -16.12
C THR A 15 -8.02 15.71 -16.01
N SER A 16 -8.38 15.11 -17.15
CA SER A 16 -8.66 13.69 -17.10
CA SER A 16 -8.66 13.69 -17.13
C SER A 16 -7.39 12.88 -16.96
N ALA A 17 -6.24 13.42 -17.36
CA ALA A 17 -4.98 12.68 -17.18
C ALA A 17 -4.58 12.56 -15.72
N LEU A 18 -4.60 13.67 -14.99
CA LEU A 18 -4.14 13.60 -13.59
C LEU A 18 -4.43 14.92 -12.90
N GLY A 19 -4.27 14.90 -11.59
CA GLY A 19 -4.45 16.06 -10.74
C GLY A 19 -5.85 16.22 -10.23
N ALA A 20 -6.01 16.48 -8.93
CA ALA A 20 -7.32 16.76 -8.36
C ALA A 20 -7.14 17.63 -7.12
N GLU A 21 -8.00 18.61 -6.99
CA GLU A 21 -8.03 19.45 -5.80
C GLU A 21 -9.06 18.88 -4.83
N ILE A 22 -8.66 18.72 -3.58
CA ILE A 22 -9.48 18.03 -2.58
C ILE A 22 -9.92 19.05 -1.53
N HIS A 23 -11.21 19.38 -1.49
CA HIS A 23 -11.74 20.32 -0.52
C HIS A 23 -12.39 19.55 0.63
N GLY A 24 -12.51 20.22 1.78
CA GLY A 24 -13.10 19.59 2.95
C GLY A 24 -12.15 18.83 3.86
N VAL A 25 -10.86 18.91 3.60
CA VAL A 25 -9.82 18.22 4.36
C VAL A 25 -9.22 19.17 5.38
N ARG A 26 -8.92 18.64 6.56
CA ARG A 26 -8.04 19.36 7.50
C ARG A 26 -6.89 18.43 7.85
N LEU A 27 -5.70 18.78 7.37
CA LEU A 27 -4.56 17.90 7.56
C LEU A 27 -4.09 17.88 9.01
N GLU A 28 -4.32 18.97 9.75
CA GLU A 28 -3.71 19.13 11.06
C GLU A 28 -3.92 17.92 11.95
N ASP A 29 -5.15 17.41 12.03
CA ASP A 29 -5.45 16.27 12.88
CA ASP A 29 -5.53 16.30 12.89
C ASP A 29 -6.12 15.13 12.09
N ILE A 30 -5.74 14.98 10.83
CA ILE A 30 -6.42 14.00 9.99
C ILE A 30 -6.45 12.62 10.66
N THR A 31 -7.56 11.92 10.52
CA THR A 31 -7.69 10.58 11.10
C THR A 31 -7.06 9.53 10.16
N ASP A 32 -6.75 8.36 10.72
CA ASP A 32 -6.25 7.27 9.88
C ASP A 32 -7.19 6.95 8.74
N ALA A 33 -8.50 6.96 9.01
CA ALA A 33 -9.43 6.56 7.96
C ALA A 33 -9.50 7.61 6.86
N ASP A 34 -9.46 8.91 7.23
CA ASP A 34 -9.44 9.95 6.19
C ASP A 34 -8.13 9.91 5.41
N PHE A 35 -7.02 9.60 6.09
CA PHE A 35 -5.76 9.46 5.37
C PHE A 35 -5.84 8.34 4.35
N ALA A 36 -6.50 7.23 4.71
CA ALA A 36 -6.64 6.13 3.76
C ALA A 36 -7.33 6.60 2.48
N GLU A 37 -8.28 7.53 2.62
CA GLU A 37 -8.97 8.04 1.45
C GLU A 37 -8.06 8.93 0.61
N LEU A 38 -7.25 9.78 1.27
CA LEU A 38 -6.26 10.55 0.53
C LEU A 38 -5.30 9.66 -0.22
N ARG A 39 -4.86 8.59 0.43
CA ARG A 39 -3.95 7.66 -0.22
C ARG A 39 -4.59 7.06 -1.48
N ARG A 40 -5.85 6.64 -1.36
CA ARG A 40 -6.57 6.12 -2.52
C ARG A 40 -6.62 7.14 -3.64
N LEU A 41 -6.92 8.40 -3.28
CA LEU A 41 -7.03 9.44 -4.28
C LEU A 41 -5.68 9.76 -4.93
N LEU A 42 -4.58 9.63 -4.19
CA LEU A 42 -3.26 9.79 -4.79
C LEU A 42 -2.95 8.69 -5.77
N LEU A 43 -3.34 7.45 -5.48
CA LEU A 43 -3.09 6.39 -6.46
C LEU A 43 -3.95 6.59 -7.69
N LYS A 44 -5.11 7.23 -7.57
CA LYS A 44 -6.00 7.47 -8.69
C LYS A 44 -5.57 8.69 -9.51
N HIS A 45 -5.18 9.78 -8.83
CA HIS A 45 -4.96 11.08 -9.48
C HIS A 45 -3.50 11.50 -9.59
N LEU A 46 -2.59 10.74 -8.95
CA LEU A 46 -1.14 10.88 -9.01
C LEU A 46 -0.61 12.13 -8.30
N VAL A 47 -1.30 13.25 -8.43
CA VAL A 47 -0.96 14.44 -7.66
C VAL A 47 -2.26 15.06 -7.17
N ILE A 48 -2.28 15.43 -5.89
CA ILE A 48 -3.47 16.04 -5.32
C ILE A 48 -3.09 17.34 -4.66
N PHE A 49 -4.04 18.28 -4.65
CA PHE A 49 -3.85 19.61 -4.10
C PHE A 49 -4.87 19.82 -2.99
N ILE A 50 -4.39 20.26 -1.83
N ILE A 50 -4.40 20.27 -1.84
CA ILE A 50 -5.21 20.44 -0.64
CA ILE A 50 -5.23 20.43 -0.65
C ILE A 50 -5.19 21.91 -0.27
C ILE A 50 -5.20 21.90 -0.24
N PRO A 51 -6.23 22.67 -0.59
CA PRO A 51 -6.22 24.10 -0.28
C PRO A 51 -6.62 24.36 1.16
N ASP A 52 -6.31 25.58 1.59
CA ASP A 52 -6.82 26.14 2.87
C ASP A 52 -6.14 25.53 4.09
N GLN A 53 -4.83 25.23 3.99
CA GLN A 53 -4.12 24.59 5.09
C GLN A 53 -3.17 25.54 5.80
N GLU A 54 -3.38 26.85 5.66
CA GLU A 54 -2.59 27.84 6.39
C GLU A 54 -2.49 27.45 7.86
N GLY A 55 -1.27 27.50 8.40
CA GLY A 55 -1.05 27.26 9.82
C GLY A 55 -0.72 25.82 10.18
N TRP A 56 -0.76 24.90 9.23
CA TRP A 56 -0.42 23.50 9.46
C TRP A 56 0.84 23.41 10.29
N SER A 57 0.75 22.74 11.45
CA SER A 57 1.88 22.74 12.36
C SER A 57 3.01 21.86 11.84
N ALA A 58 4.23 22.21 12.27
CA ALA A 58 5.40 21.46 11.84
C ALA A 58 5.29 20.01 12.26
N GLU A 59 4.84 19.76 13.49
CA GLU A 59 4.75 18.39 13.96
C GLU A 59 3.70 17.61 13.17
N SER A 60 2.60 18.26 12.79
CA SER A 60 1.60 17.53 12.01
C SER A 60 2.07 17.28 10.59
N ARG A 61 2.77 18.25 10.01
CA ARG A 61 3.32 18.09 8.66
C ARG A 61 4.27 16.91 8.61
N ILE A 62 5.10 16.77 9.64
CA ILE A 62 6.07 15.68 9.68
C ILE A 62 5.36 14.34 9.90
N ALA A 63 4.37 14.32 10.80
CA ALA A 63 3.66 13.07 11.03
C ALA A 63 2.95 12.62 9.76
N PHE A 64 2.41 13.57 9.00
CA PHE A 64 1.74 13.27 7.74
C PHE A 64 2.69 12.62 6.75
N GLY A 65 3.85 13.22 6.52
CA GLY A 65 4.82 12.60 5.63
C GLY A 65 5.23 11.23 6.09
N ARG A 66 5.37 11.05 7.40
CA ARG A 66 5.80 9.77 7.91
C ARG A 66 4.77 8.66 7.71
N ARG A 67 3.51 9.00 7.45
CA ARG A 67 2.53 7.98 7.07
C ARG A 67 2.92 7.30 5.77
N PHE A 68 3.65 7.99 4.91
CA PHE A 68 4.03 7.44 3.63
C PHE A 68 5.35 6.68 3.67
N GLY A 69 6.26 7.04 4.57
CA GLY A 69 7.55 6.39 4.62
C GLY A 69 8.54 7.25 5.40
N GLU A 70 9.81 6.90 5.24
CA GLU A 70 10.88 7.65 5.90
C GLU A 70 11.10 9.00 5.23
N LEU A 71 11.32 10.04 6.03
CA LEU A 71 11.50 11.38 5.51
C LEU A 71 12.98 11.68 5.35
N GLU A 72 13.29 12.35 4.26
CA GLU A 72 14.65 12.81 4.01
C GLU A 72 15.03 13.90 4.99
N GLU A 73 16.25 13.79 5.53
CA GLU A 73 16.87 14.82 6.34
C GLU A 73 18.11 15.23 5.57
N HIS A 74 17.93 16.13 4.62
CA HIS A 74 19.03 16.51 3.73
C HIS A 74 20.14 17.18 4.53
N ALA A 75 21.38 16.77 4.26
CA ALA A 75 22.51 17.29 5.02
C ALA A 75 22.75 18.79 4.77
N TYR A 76 22.40 19.31 3.59
CA TYR A 76 22.81 20.67 3.25
C TYR A 76 21.67 21.63 2.93
N LEU A 77 20.54 21.15 2.42
CA LEU A 77 19.42 22.04 2.16
C LEU A 77 18.99 22.67 3.47
N PRO A 78 18.71 23.97 3.49
CA PRO A 78 18.23 24.57 4.74
C PRO A 78 16.92 23.94 5.12
N HIS A 79 16.67 23.88 6.43
CA HIS A 79 15.42 23.33 6.93
C HIS A 79 14.87 24.27 7.99
N LEU A 80 13.61 24.07 8.30
CA LEU A 80 12.94 24.87 9.32
C LEU A 80 13.66 24.73 10.65
N ASP A 81 13.90 25.85 11.33
CA ASP A 81 14.51 25.80 12.65
C ASP A 81 13.81 24.76 13.51
N GLY A 82 14.57 23.82 14.02
CA GLY A 82 14.06 22.78 14.88
C GLY A 82 13.56 21.54 14.19
N HIS A 83 13.42 21.55 12.86
CA HIS A 83 12.77 20.45 12.16
C HIS A 83 13.55 20.04 10.92
N PRO A 84 14.49 19.11 11.06
CA PRO A 84 15.37 18.75 9.94
C PRO A 84 14.65 18.16 8.76
N GLN A 85 13.40 17.73 8.92
CA GLN A 85 12.67 17.08 7.84
C GLN A 85 11.92 18.07 6.96
N ILE A 86 11.76 19.31 7.40
CA ILE A 86 10.98 20.30 6.67
C ILE A 86 11.99 21.19 5.95
N GLN A 87 12.15 20.93 4.66
CA GLN A 87 13.09 21.66 3.83
C GLN A 87 12.51 22.98 3.38
N ILE A 88 13.38 24.00 3.33
CA ILE A 88 13.03 25.34 2.85
C ILE A 88 13.56 25.45 1.42
N ILE A 89 12.67 25.71 0.47
CA ILE A 89 13.03 25.85 -0.93
C ILE A 89 12.81 27.31 -1.29
N ASP A 90 13.90 28.03 -1.57
CA ASP A 90 13.86 29.45 -1.90
C ASP A 90 14.33 29.65 -3.33
N SER A 91 13.52 30.37 -4.12
CA SER A 91 13.90 30.66 -5.50
C SER A 91 15.23 31.38 -5.59
N GLU A 92 15.54 32.23 -4.60
CA GLU A 92 16.83 32.90 -4.59
C GLU A 92 17.96 31.93 -4.28
N GLN A 93 17.88 31.28 -3.11
CA GLN A 93 19.02 30.50 -2.62
C GLN A 93 19.35 29.34 -3.54
N ASN A 94 18.36 28.79 -4.22
CA ASN A 94 18.58 27.62 -5.06
C ASN A 94 18.51 28.01 -6.53
N LYS A 96 15.12 26.65 -9.24
CA LYS A 96 14.19 26.87 -10.34
C LYS A 96 14.27 25.78 -11.41
N ILE A 97 15.21 25.94 -12.35
CA ILE A 97 15.44 25.04 -13.49
C ILE A 97 14.13 24.58 -14.11
N PRO A 98 13.70 25.18 -15.23
CA PRO A 98 12.49 24.70 -15.92
C PRO A 98 12.84 23.53 -16.83
N ILE A 99 12.66 22.31 -16.34
CA ILE A 99 12.99 21.12 -17.11
C ILE A 99 12.14 19.99 -16.55
N TRP A 100 11.57 19.18 -17.44
CA TRP A 100 10.78 18.03 -17.01
C TRP A 100 11.68 17.01 -16.34
N HIS A 101 11.29 16.57 -15.14
CA HIS A 101 12.11 15.64 -14.39
C HIS A 101 11.24 14.78 -13.48
N THR A 102 11.82 13.67 -13.07
CA THR A 102 11.34 12.89 -11.94
C THR A 102 12.46 12.99 -10.89
N ASP A 103 12.09 13.23 -9.64
CA ASP A 103 13.12 13.57 -8.65
C ASP A 103 14.11 12.45 -8.40
N MET A 104 15.40 12.81 -8.42
CA MET A 104 16.52 11.98 -7.97
C MET A 104 16.60 10.61 -8.66
N THR A 105 16.24 10.51 -9.94
CA THR A 105 16.29 9.18 -10.59
C THR A 105 17.72 8.74 -10.89
N TYR A 106 18.70 9.64 -10.76
CA TYR A 106 20.12 9.32 -10.80
C TYR A 106 20.58 8.55 -9.57
N ALA A 107 19.70 8.33 -8.62
CA ALA A 107 19.99 7.54 -7.43
C ALA A 107 19.32 6.17 -7.52
N PRO A 108 19.88 5.14 -6.89
CA PRO A 108 19.23 3.83 -6.99
C PRO A 108 17.88 3.79 -6.29
N ASN A 109 17.68 4.62 -5.25
CA ASN A 109 16.41 4.71 -4.51
C ASN A 109 15.87 6.15 -4.54
N PRO A 110 15.17 6.53 -5.59
CA PRO A 110 14.58 7.88 -5.62
C PRO A 110 13.49 8.00 -4.59
N PRO A 111 13.02 9.22 -4.30
CA PRO A 111 11.86 9.38 -3.41
C PRO A 111 10.61 8.70 -3.93
N ILE A 112 9.79 8.21 -2.99
CA ILE A 112 8.43 7.81 -3.32
C ILE A 112 7.61 9.01 -3.74
N GLY A 113 7.80 10.14 -3.08
CA GLY A 113 6.99 11.30 -3.38
C GLY A 113 7.33 12.43 -2.45
N SER A 114 6.57 13.53 -2.58
CA SER A 114 6.83 14.73 -1.82
C SER A 114 5.52 15.41 -1.42
N VAL A 115 5.63 16.23 -0.38
CA VAL A 115 4.58 17.12 0.09
C VAL A 115 5.14 18.54 0.10
N LEU A 116 4.53 19.42 -0.71
CA LEU A 116 5.06 20.75 -0.96
C LEU A 116 4.00 21.81 -0.71
N GLN A 117 4.40 22.88 -0.07
CA GLN A 117 3.52 24.02 0.19
C GLN A 117 4.30 25.29 -0.10
N ILE A 118 3.81 26.09 -1.04
CA ILE A 118 4.46 27.34 -1.44
C ILE A 118 3.94 28.44 -0.51
N VAL A 119 4.72 28.78 0.53
CA VAL A 119 4.26 29.70 1.56
C VAL A 119 4.52 31.17 1.23
N ASP A 120 5.46 31.48 0.32
CA ASP A 120 5.65 32.84 -0.15
C ASP A 120 5.80 32.84 -1.67
N GLY A 121 5.14 33.79 -2.35
CA GLY A 121 5.31 33.91 -3.77
C GLY A 121 4.34 34.86 -4.44
N PRO A 122 4.53 35.06 -5.74
CA PRO A 122 3.65 35.99 -6.47
C PRO A 122 2.27 35.40 -6.68
N ALA A 123 1.31 36.30 -6.91
CA ALA A 123 -0.08 35.87 -7.12
C ALA A 123 -0.24 35.16 -8.46
N GLN A 124 0.60 35.49 -9.43
CA GLN A 124 0.67 34.75 -10.69
C GLN A 124 2.13 34.51 -11.03
N GLY A 125 2.40 33.43 -11.73
CA GLY A 125 3.78 33.09 -12.00
C GLY A 125 4.21 31.93 -11.11
N GLY A 126 5.09 31.10 -11.65
CA GLY A 126 5.62 30.00 -10.88
C GLY A 126 4.75 28.76 -10.80
N ASP A 127 3.83 28.55 -11.75
CA ASP A 127 3.04 27.33 -11.79
C ASP A 127 3.94 26.12 -11.83
N THR A 128 3.39 25.00 -11.36
CA THR A 128 4.03 23.70 -11.49
C THR A 128 3.15 22.82 -12.34
N MET A 129 3.76 22.08 -13.26
CA MET A 129 3.08 21.09 -14.07
C MET A 129 3.54 19.70 -13.68
N TRP A 130 2.62 18.73 -13.85
CA TRP A 130 2.90 17.31 -13.66
C TRP A 130 2.43 16.54 -14.89
N SER A 131 3.06 15.40 -15.14
CA SER A 131 2.68 14.55 -16.26
C SER A 131 2.41 13.13 -15.77
N ASN A 132 1.54 12.41 -16.51
CA ASN A 132 1.13 11.05 -16.18
C ASN A 132 1.94 10.02 -17.00
N GLN A 133 2.88 9.36 -16.33
CA GLN A 133 3.77 8.40 -17.01
C GLN A 133 3.07 7.09 -17.32
N TYR A 134 1.92 6.80 -16.71
CA TYR A 134 1.13 5.65 -17.15
C TYR A 134 0.63 5.89 -18.56
N LEU A 135 0.08 7.07 -18.80
CA LEU A 135 -0.49 7.40 -20.09
C LEU A 135 0.58 7.53 -21.16
N ALA A 136 1.76 8.00 -20.76
CA ALA A 136 2.87 8.11 -21.69
C ALA A 136 3.28 6.74 -22.20
N TYR A 137 3.28 5.73 -21.31
CA TYR A 137 3.56 4.35 -21.75
C TYR A 137 2.40 3.78 -22.56
N GLU A 138 1.18 3.90 -22.04
CA GLU A 138 0.02 3.25 -22.67
C GLU A 138 -0.25 3.82 -24.05
N GLY A 139 0.13 5.06 -24.30
CA GLY A 139 -0.06 5.72 -25.58
C GLY A 139 0.91 5.32 -26.65
N LEU A 140 1.96 4.58 -26.29
CA LEU A 140 2.85 4.01 -27.29
C LEU A 140 2.18 2.81 -27.95
N SER A 141 2.49 2.58 -29.22
CA SER A 141 1.92 1.42 -29.90
C SER A 141 2.54 0.13 -29.38
N ALA A 142 1.85 -0.97 -29.61
CA ALA A 142 2.26 -2.26 -29.05
C ALA A 142 3.71 -2.65 -29.34
N PRO A 143 4.23 -2.52 -30.58
CA PRO A 143 5.62 -2.92 -30.82
C PRO A 143 6.59 -2.15 -29.95
N LEU A 144 6.33 -0.84 -29.75
CA LEU A 144 7.23 -0.03 -28.94
C LEU A 144 7.10 -0.33 -27.45
N ARG A 145 5.88 -0.58 -26.96
CA ARG A 145 5.75 -0.99 -25.57
C ARG A 145 6.53 -2.28 -25.32
N ASP A 146 6.42 -3.24 -26.24
N ASP A 146 6.39 -3.25 -26.24
CA ASP A 146 7.12 -4.50 -26.06
CA ASP A 146 7.11 -4.51 -26.12
C ASP A 146 8.63 -4.32 -26.09
C ASP A 146 8.61 -4.28 -26.05
N LEU A 147 9.13 -3.38 -26.89
CA LEU A 147 10.57 -3.09 -26.87
C LEU A 147 10.97 -2.50 -25.52
N LEU A 148 10.25 -1.45 -25.08
CA LEU A 148 10.68 -0.75 -23.88
C LEU A 148 10.60 -1.61 -22.65
N ASP A 149 9.63 -2.54 -22.60
CA ASP A 149 9.50 -3.43 -21.45
C ASP A 149 10.81 -4.14 -21.15
N GLY A 150 11.59 -4.44 -22.18
CA GLY A 150 12.84 -5.16 -22.06
C GLY A 150 14.09 -4.34 -21.92
N LEU A 151 13.98 -3.02 -21.79
CA LEU A 151 15.14 -2.14 -21.78
C LEU A 151 15.33 -1.53 -20.39
N THR A 152 16.54 -1.09 -20.12
CA THR A 152 16.89 -0.30 -18.96
C THR A 152 17.62 0.95 -19.41
N ALA A 153 17.73 1.92 -18.52
CA ALA A 153 18.40 3.18 -18.83
C ALA A 153 19.24 3.63 -17.64
N VAL A 154 20.38 4.20 -17.96
CA VAL A 154 21.26 4.86 -16.99
C VAL A 154 20.80 6.30 -16.81
N HIS A 155 20.61 6.68 -15.54
CA HIS A 155 20.31 8.04 -15.11
C HIS A 155 21.52 8.57 -14.37
N SER A 156 21.87 9.83 -14.59
CA SER A 156 23.08 10.32 -13.94
C SER A 156 23.03 11.82 -13.72
N ILE A 157 23.90 12.27 -12.83
CA ILE A 157 24.09 13.68 -12.55
C ILE A 157 25.56 13.90 -12.22
N HIS A 158 26.12 15.01 -12.74
CA HIS A 158 27.52 15.37 -12.50
C HIS A 158 27.56 16.89 -12.31
N ILE A 159 27.48 17.33 -11.05
CA ILE A 159 27.60 18.75 -10.73
C ILE A 159 28.58 18.90 -9.57
N PRO A 160 29.07 20.10 -9.29
CA PRO A 160 29.93 20.27 -8.10
C PRO A 160 29.23 19.78 -6.85
N GLY A 161 29.88 18.85 -6.15
CA GLY A 161 29.34 18.30 -4.91
C GLY A 161 28.31 17.20 -5.07
N LEU A 162 28.15 16.62 -6.27
CA LEU A 162 27.21 15.52 -6.45
C LEU A 162 27.52 14.80 -7.77
N ASP A 163 27.99 13.57 -7.66
CA ASP A 163 28.12 12.65 -8.78
C ASP A 163 27.34 11.39 -8.44
N SER A 164 26.42 10.99 -9.31
CA SER A 164 25.61 9.82 -9.02
C SER A 164 25.11 9.25 -10.34
N GLN A 165 25.03 7.92 -10.41
CA GLN A 165 24.31 7.30 -11.51
C GLN A 165 23.63 6.05 -11.02
N ALA A 166 22.59 5.65 -11.76
CA ALA A 166 21.79 4.49 -11.41
C ALA A 166 21.16 3.94 -12.68
N GLU A 167 20.96 2.63 -12.70
CA GLU A 167 20.30 1.97 -13.80
C GLU A 167 18.89 1.56 -13.36
N HIS A 168 17.89 1.90 -14.16
CA HIS A 168 16.50 1.62 -13.87
C HIS A 168 15.79 1.04 -15.08
N PRO A 169 14.73 0.26 -14.88
CA PRO A 169 13.90 -0.15 -16.01
C PRO A 169 13.34 1.07 -16.73
N VAL A 170 13.23 0.96 -18.06
CA VAL A 170 12.55 1.99 -18.84
C VAL A 170 11.06 1.99 -18.55
N VAL A 171 10.48 0.83 -18.24
CA VAL A 171 9.07 0.69 -17.90
C VAL A 171 9.01 0.04 -16.54
N ARG A 172 8.41 0.73 -15.57
CA ARG A 172 8.31 0.18 -14.23
C ARG A 172 6.87 -0.18 -13.93
N VAL A 173 6.71 -1.11 -13.00
CA VAL A 173 5.39 -1.58 -12.55
C VAL A 173 5.14 -0.93 -11.20
N HIS A 174 4.11 -0.12 -11.10
CA HIS A 174 3.87 0.55 -9.82
C HIS A 174 3.55 -0.50 -8.75
N PRO A 175 4.15 -0.42 -7.55
CA PRO A 175 3.99 -1.54 -6.60
C PRO A 175 2.56 -1.71 -6.13
N GLU A 176 1.79 -0.62 -6.04
CA GLU A 176 0.44 -0.72 -5.51
C GLU A 176 -0.59 -1.01 -6.60
N THR A 177 -0.52 -0.33 -7.74
CA THR A 177 -1.53 -0.50 -8.77
C THR A 177 -1.24 -1.65 -9.74
N GLY A 178 0.02 -2.07 -9.86
CA GLY A 178 0.41 -3.04 -10.86
C GLY A 178 0.43 -2.50 -12.27
N ARG A 179 0.14 -1.22 -12.44
CA ARG A 179 0.11 -0.61 -13.77
C ARG A 179 1.51 -0.17 -14.20
N ARG A 180 1.79 -0.30 -15.50
CA ARG A 180 3.10 0.03 -16.03
C ARG A 180 3.21 1.52 -16.36
N ALA A 181 4.37 2.10 -16.07
CA ALA A 181 4.61 3.52 -16.29
C ALA A 181 5.97 3.70 -16.93
N LEU A 182 6.05 4.63 -17.87
CA LEU A 182 7.36 5.05 -18.35
C LEU A 182 8.21 5.59 -17.22
N PHE A 183 9.52 5.31 -17.28
CA PHE A 183 10.45 5.76 -16.25
C PHE A 183 11.74 6.30 -16.87
N VAL A 184 11.59 7.24 -17.80
CA VAL A 184 12.69 8.07 -18.27
C VAL A 184 12.21 9.51 -18.15
N ASN A 185 13.15 10.43 -17.96
CA ASN A 185 12.83 11.86 -17.89
C ASN A 185 14.00 12.68 -18.42
N ARG A 186 13.64 13.82 -19.04
CA ARG A 186 14.64 14.60 -19.77
C ARG A 186 15.80 15.04 -18.88
N ALA A 187 15.53 15.44 -17.63
CA ALA A 187 16.57 16.04 -16.81
C ALA A 187 17.67 15.05 -16.46
N HIS A 188 17.30 13.84 -16.05
CA HIS A 188 18.26 12.93 -15.42
C HIS A 188 18.56 11.64 -16.18
N THR A 189 17.75 11.24 -17.15
CA THR A 189 18.08 10.06 -17.92
C THR A 189 19.23 10.37 -18.89
N SER A 190 20.23 9.49 -18.92
CA SER A 190 21.36 9.62 -19.84
C SER A 190 21.12 8.86 -21.14
N HIS A 191 20.94 7.56 -21.05
CA HIS A 191 20.91 6.71 -22.22
C HIS A 191 20.32 5.35 -21.88
N ILE A 192 19.75 4.73 -22.89
CA ILE A 192 19.25 3.37 -22.80
C ILE A 192 20.44 2.41 -22.93
N ALA A 193 20.54 1.45 -22.01
CA ALA A 193 21.78 0.68 -21.85
C ALA A 193 21.99 -0.34 -22.96
N GLN A 194 20.92 -0.90 -23.52
CA GLN A 194 21.01 -1.99 -24.48
C GLN A 194 21.12 -1.52 -25.93
N LEU A 195 20.92 -0.25 -26.20
CA LEU A 195 21.06 0.36 -27.52
C LEU A 195 22.41 1.07 -27.61
N ASN A 196 22.85 1.37 -28.84
CA ASN A 196 23.98 2.29 -28.91
C ASN A 196 23.47 3.70 -28.62
N ARG A 197 24.41 4.62 -28.40
CA ARG A 197 24.02 5.94 -27.88
C ARG A 197 23.16 6.68 -28.89
N ASN A 198 23.43 6.51 -30.20
CA ASN A 198 22.71 7.26 -31.21
C ASN A 198 21.26 6.78 -31.32
N GLU A 199 21.06 5.45 -31.28
CA GLU A 199 19.71 4.90 -31.25
C GLU A 199 18.97 5.36 -30.01
N SER A 200 19.69 5.36 -28.88
CA SER A 200 19.14 5.80 -27.61
C SER A 200 18.68 7.24 -27.68
N ASP A 201 19.53 8.13 -28.22
CA ASP A 201 19.14 9.53 -28.38
C ASP A 201 17.84 9.65 -29.16
N ALA A 202 17.74 8.96 -30.29
CA ALA A 202 16.55 9.08 -31.14
C ALA A 202 15.29 8.65 -30.41
N LEU A 203 15.37 7.52 -29.70
CA LEU A 203 14.18 7.03 -29.01
C LEU A 203 13.83 7.90 -27.82
N LEU A 204 14.82 8.27 -27.02
CA LEU A 204 14.53 9.11 -25.87
C LEU A 204 13.96 10.47 -26.30
N GLN A 205 14.47 11.03 -27.40
CA GLN A 205 13.95 12.31 -27.86
CA GLN A 205 13.94 12.31 -27.85
C GLN A 205 12.46 12.21 -28.15
N TYR A 206 12.05 11.12 -28.81
CA TYR A 206 10.63 10.90 -29.08
C TYR A 206 9.85 10.74 -27.79
N LEU A 207 10.35 9.90 -26.86
CA LEU A 207 9.64 9.62 -25.62
C LEU A 207 9.50 10.85 -24.75
N TYR A 208 10.55 11.68 -24.66
CA TYR A 208 10.45 12.86 -23.81
C TYR A 208 9.33 13.78 -24.26
N ARG A 209 9.31 14.11 -25.55
CA ARG A 209 8.25 14.95 -26.12
C ARG A 209 6.88 14.31 -25.99
N PHE A 210 6.75 13.03 -26.37
CA PHE A 210 5.47 12.38 -26.30
C PHE A 210 4.92 12.35 -24.87
N SER A 211 5.79 12.08 -23.90
CA SER A 211 5.37 11.89 -22.52
C SER A 211 4.89 13.17 -21.84
N THR A 212 5.21 14.33 -22.38
CA THR A 212 4.77 15.60 -21.83
C THR A 212 3.79 16.32 -22.75
N SER A 213 3.15 15.57 -23.65
CA SER A 213 2.01 16.06 -24.44
C SER A 213 0.97 16.72 -23.54
N PRO A 214 0.30 17.78 -24.00
CA PRO A 214 -0.72 18.42 -23.16
C PRO A 214 -1.80 17.47 -22.66
N GLU A 215 -2.15 16.45 -23.45
CA GLU A 215 -3.15 15.48 -23.08
C GLU A 215 -2.72 14.61 -21.90
N PHE A 216 -1.44 14.64 -21.51
CA PHE A 216 -0.93 13.86 -20.39
C PHE A 216 -0.54 14.69 -19.17
N THR A 217 -0.74 16.01 -19.19
CA THR A 217 -0.23 16.89 -18.15
C THR A 217 -1.35 17.72 -17.52
N CYS A 218 -1.00 18.37 -16.41
CA CYS A 218 -1.85 19.37 -15.77
C CYS A 218 -0.97 20.50 -15.31
N ARG A 219 -1.57 21.66 -15.04
CA ARG A 219 -0.85 22.85 -14.67
C ARG A 219 -1.54 23.48 -13.48
N TYR A 220 -0.80 23.70 -12.41
CA TYR A 220 -1.37 24.16 -11.15
C TYR A 220 -0.83 25.53 -10.77
N GLN A 221 -1.73 26.46 -10.46
CA GLN A 221 -1.40 27.77 -9.95
C GLN A 221 -1.45 27.76 -8.43
N TRP A 222 -0.33 28.06 -7.80
CA TRP A 222 -0.22 28.01 -6.35
C TRP A 222 -0.99 29.15 -5.69
N ARG A 223 -1.63 28.83 -4.57
CA ARG A 223 -2.31 29.83 -3.76
C ARG A 223 -1.88 29.65 -2.32
N PRO A 224 -1.91 30.72 -1.53
CA PRO A 224 -1.53 30.60 -0.11
C PRO A 224 -2.32 29.51 0.57
N GLY A 225 -1.60 28.70 1.34
CA GLY A 225 -2.22 27.63 2.10
C GLY A 225 -2.42 26.34 1.34
N SER A 226 -2.07 26.28 0.05
CA SER A 226 -2.26 25.08 -0.74
C SER A 226 -1.08 24.13 -0.60
N VAL A 227 -1.41 22.85 -0.45
CA VAL A 227 -0.43 21.77 -0.32
C VAL A 227 -0.57 20.86 -1.53
N ALA A 228 0.55 20.53 -2.17
CA ALA A 228 0.57 19.54 -3.23
C ALA A 228 1.24 18.28 -2.72
N ILE A 229 0.64 17.13 -3.02
CA ILE A 229 1.20 15.83 -2.69
C ILE A 229 1.28 15.03 -3.98
N TRP A 230 2.46 14.49 -4.30
CA TRP A 230 2.51 13.70 -5.52
C TRP A 230 3.37 12.46 -5.36
N ASP A 231 3.05 11.49 -6.22
CA ASP A 231 3.70 10.21 -6.36
C ASP A 231 4.81 10.37 -7.39
N ASN A 232 6.04 10.41 -6.92
CA ASN A 232 7.19 10.56 -7.78
C ASN A 232 7.48 9.31 -8.59
N ARG A 233 6.77 8.21 -8.36
CA ARG A 233 7.08 6.99 -9.08
C ARG A 233 6.50 6.94 -10.48
N VAL A 234 5.46 7.72 -10.74
CA VAL A 234 4.71 7.61 -12.00
C VAL A 234 4.37 8.99 -12.56
N THR A 235 5.12 10.02 -12.13
CA THR A 235 4.97 11.36 -12.67
C THR A 235 6.33 11.96 -13.04
N GLN A 236 6.27 12.95 -13.92
CA GLN A 236 7.28 13.99 -14.02
C GLN A 236 6.66 15.31 -13.58
N HIS A 237 7.50 16.29 -13.30
CA HIS A 237 7.01 17.63 -13.05
C HIS A 237 7.99 18.66 -13.58
N TYR A 238 7.52 19.90 -13.62
CA TYR A 238 8.16 21.01 -14.33
C TYR A 238 7.79 22.29 -13.60
N ALA A 239 8.79 23.04 -13.18
CA ALA A 239 8.59 24.33 -12.52
C ALA A 239 8.69 25.46 -13.55
N VAL A 240 7.57 26.15 -13.79
CA VAL A 240 7.55 27.17 -14.82
C VAL A 240 8.38 28.37 -14.37
N ASP A 241 9.24 28.85 -15.26
CA ASP A 241 10.23 29.90 -14.91
C ASP A 241 9.77 31.22 -15.51
N ASP A 242 8.68 31.77 -14.96
CA ASP A 242 8.10 33.00 -15.48
C ASP A 242 7.92 34.07 -14.40
N TYR A 243 8.76 34.07 -13.37
CA TYR A 243 8.63 35.07 -12.30
C TYR A 243 10.00 35.46 -11.79
N SER A 244 10.06 36.64 -11.15
CA SER A 244 11.27 37.14 -10.51
C SER A 244 11.08 37.42 -9.02
N GLU A 245 9.86 37.38 -8.51
N GLU A 245 9.86 37.38 -8.51
CA GLU A 245 9.60 37.63 -7.10
CA GLU A 245 9.63 37.64 -7.10
C GLU A 245 10.14 36.48 -6.25
C GLU A 245 10.14 36.49 -6.25
N HIS A 246 10.32 36.77 -4.96
CA HIS A 246 10.77 35.76 -4.01
C HIS A 246 9.70 34.67 -3.88
N ARG A 247 10.13 33.41 -3.97
CA ARG A 247 9.21 32.29 -3.87
C ARG A 247 9.81 31.27 -2.90
N ARG A 248 9.08 30.98 -1.82
CA ARG A 248 9.52 30.03 -0.80
C ARG A 248 8.51 28.89 -0.62
N GLY A 249 9.02 27.66 -0.62
CA GLY A 249 8.20 26.49 -0.30
C GLY A 249 8.75 25.73 0.90
N LEU A 250 7.86 25.02 1.58
CA LEU A 250 8.22 24.06 2.61
C LEU A 250 7.97 22.68 2.03
N ARG A 251 8.97 21.81 2.09
CA ARG A 251 8.87 20.52 1.43
C ARG A 251 9.32 19.41 2.37
N VAL A 252 8.57 18.32 2.35
CA VAL A 252 9.01 17.09 2.99
CA VAL A 252 8.95 17.07 3.00
C VAL A 252 9.06 16.02 1.92
N VAL A 253 10.14 15.25 1.93
CA VAL A 253 10.44 14.28 0.87
C VAL A 253 10.41 12.89 1.49
N VAL A 254 9.59 12.01 0.91
CA VAL A 254 9.44 10.63 1.37
C VAL A 254 10.38 9.74 0.56
N LEU A 255 11.35 9.15 1.26
CA LEU A 255 12.31 8.25 0.65
C LEU A 255 11.73 6.87 0.46
N GLY A 256 12.44 6.07 -0.32
CA GLY A 256 12.30 4.63 -0.25
C GLY A 256 11.84 3.91 -1.50
N ASP A 257 11.92 4.52 -2.67
CA ASP A 257 11.46 3.85 -3.89
C ASP A 257 12.56 2.94 -4.43
N THR A 258 12.15 1.80 -5.01
CA THR A 258 13.03 0.96 -5.81
C THR A 258 12.30 0.66 -7.11
N PRO A 259 12.57 1.40 -8.18
CA PRO A 259 11.87 1.16 -9.45
C PRO A 259 12.10 -0.28 -9.92
N SER A 260 11.01 -0.96 -10.25
CA SER A 260 11.05 -2.38 -10.58
C SER A 260 10.36 -2.63 -11.90
N GLY A 261 11.00 -3.43 -12.74
CA GLY A 261 10.45 -3.77 -14.04
C GLY A 261 10.95 -5.12 -14.49
N ASP A 262 10.72 -5.44 -15.77
CA ASP A 262 11.12 -6.74 -16.32
C ASP A 262 12.63 -6.86 -16.35
N LYS A 263 13.11 -8.09 -16.21
CA LYS A 263 14.50 -8.38 -16.52
C LYS A 263 14.79 -7.99 -17.96
N PRO A 264 15.89 -7.29 -18.23
CA PRO A 264 16.18 -6.89 -19.62
C PRO A 264 16.29 -8.11 -20.52
N ARG A 265 15.86 -7.94 -21.76
CA ARG A 265 15.84 -9.03 -22.70
C ARG A 265 17.10 -9.09 -23.56
N TRP A 266 18.02 -8.15 -23.36
CA TRP A 266 19.27 -8.06 -24.09
C TRP A 266 20.35 -7.59 -23.14
N ASP A 267 21.60 -7.89 -23.50
CA ASP A 267 22.77 -7.39 -22.78
C ASP A 267 23.00 -5.91 -23.06
N HIS A 268 23.80 -5.27 -22.20
CA HIS A 268 24.19 -3.91 -22.50
C HIS A 268 24.90 -3.85 -23.84
N TYR A 269 24.67 -2.78 -24.58
CA TYR A 269 25.48 -2.49 -25.76
C TYR A 269 26.93 -2.30 -25.33
N ARG A 270 27.85 -2.95 -26.03
CA ARG A 270 29.28 -2.85 -25.74
C ARG A 270 29.99 -2.20 -26.91
N PRO A 271 30.55 -1.01 -26.77
CA PRO A 271 31.31 -0.42 -27.88
C PRO A 271 32.63 -1.15 -28.05
N VAL A 272 33.24 -0.97 -29.21
CA VAL A 272 34.58 -1.51 -29.44
C VAL A 272 35.60 -0.51 -28.88
N PRO A 273 36.83 -0.93 -28.59
CA PRO A 273 37.81 0.02 -28.05
C PRO A 273 38.03 1.20 -28.98
N GLY A 274 38.16 2.38 -28.38
CA GLY A 274 38.38 3.60 -29.15
C GLY A 274 37.15 4.15 -29.84
N GLN A 275 36.00 3.49 -29.73
CA GLN A 275 34.80 4.01 -30.36
C GLN A 275 34.41 5.36 -29.77
N ARG A 276 34.03 6.28 -30.64
CA ARG A 276 33.65 7.63 -30.25
C ARG A 276 32.15 7.80 -30.49
N TYR A 277 31.49 8.42 -29.52
CA TYR A 277 30.09 8.79 -29.65
C TYR A 277 30.02 10.13 -30.35
N VAL A 278 29.39 10.17 -31.52
CA VAL A 278 29.15 11.41 -32.24
C VAL A 278 27.65 11.62 -32.27
N PRO A 279 27.09 12.50 -31.43
CA PRO A 279 25.64 12.68 -31.46
C PRO A 279 25.19 13.17 -32.83
N ASP A 280 24.00 12.71 -33.21
CA ASP A 280 23.39 13.15 -34.47
C ASP A 280 22.84 14.57 -34.36
N TRP A 281 22.51 15.03 -33.16
CA TRP A 281 21.96 16.36 -32.96
C TRP A 281 22.94 17.21 -32.16
N VAL A 282 23.00 18.50 -32.49
CA VAL A 282 23.93 19.44 -31.87
C VAL A 282 23.49 19.84 -30.48
N ASN A 283 24.42 19.79 -29.53
CA ASN A 283 24.33 20.53 -28.28
C ASN A 283 25.58 21.40 -28.19
N ALA A 284 25.44 22.58 -27.63
CA ALA A 284 26.60 23.43 -27.41
C ALA A 284 27.59 22.73 -26.47
N LYS A 285 28.87 23.08 -26.59
CA LYS A 285 29.87 22.54 -25.69
C LYS A 285 30.01 23.35 -24.41
N GLU A 286 29.55 24.59 -24.40
CA GLU A 286 29.64 25.48 -23.25
C GLU A 286 28.22 25.86 -22.83
N ALA A 287 27.91 25.70 -21.55
CA ALA A 287 26.65 26.18 -21.04
C ALA A 287 26.78 27.67 -20.70
N TYR A 288 26.00 28.16 -19.75
CA TYR A 288 26.06 29.57 -19.40
C TYR A 288 27.01 29.81 -18.19
N ILE B 4 -6.54 -3.09 -9.31
CA ILE B 4 -5.21 -3.65 -9.15
C ILE B 4 -4.91 -4.63 -10.29
N ILE B 5 -3.78 -4.42 -10.97
CA ILE B 5 -3.39 -5.24 -12.11
C ILE B 5 -2.53 -6.38 -11.60
N THR B 6 -2.90 -7.60 -11.96
CA THR B 6 -2.14 -8.81 -11.60
C THR B 6 -2.20 -9.75 -12.80
N THR B 7 -1.14 -9.72 -13.63
CA THR B 7 -1.12 -10.48 -14.88
C THR B 7 0.10 -11.39 -15.00
N ALA B 8 0.92 -11.53 -13.96
CA ALA B 8 2.21 -12.21 -14.13
C ALA B 8 2.08 -13.73 -14.11
N PHE B 9 1.28 -14.28 -13.19
CA PHE B 9 1.24 -15.72 -12.94
C PHE B 9 -0.04 -16.33 -13.49
N GLU B 10 -0.15 -17.66 -13.35
CA GLU B 10 -1.42 -18.36 -13.56
C GLU B 10 -2.24 -18.37 -12.27
N VAL B 11 -3.36 -17.67 -12.29
CA VAL B 11 -4.19 -17.46 -11.10
C VAL B 11 -5.51 -18.19 -11.29
N ARG B 12 -5.86 -19.02 -10.31
CA ARG B 12 -7.10 -19.78 -10.35
C ARG B 12 -7.96 -19.40 -9.17
N PRO B 13 -8.92 -18.48 -9.33
CA PRO B 13 -9.77 -18.09 -8.19
C PRO B 13 -10.59 -19.26 -7.68
N LEU B 14 -10.77 -19.30 -6.37
CA LEU B 14 -11.59 -20.34 -5.75
C LEU B 14 -13.07 -20.02 -5.85
N THR B 15 -13.44 -18.81 -5.46
CA THR B 15 -14.83 -18.37 -5.53
C THR B 15 -14.83 -16.93 -6.00
N SER B 16 -16.03 -16.44 -6.31
CA SER B 16 -16.17 -15.02 -6.66
CA SER B 16 -16.15 -15.03 -6.67
C SER B 16 -15.83 -14.12 -5.49
N ALA B 17 -16.14 -14.56 -4.27
CA ALA B 17 -15.90 -13.73 -3.09
C ALA B 17 -14.42 -13.51 -2.81
N LEU B 18 -13.64 -14.58 -2.75
CA LEU B 18 -12.24 -14.47 -2.34
C LEU B 18 -11.52 -15.78 -2.62
N GLY B 19 -10.19 -15.71 -2.53
CA GLY B 19 -9.32 -16.87 -2.62
C GLY B 19 -8.82 -17.14 -4.01
N ALA B 20 -7.53 -17.40 -4.14
CA ALA B 20 -7.02 -17.78 -5.44
C ALA B 20 -5.75 -18.58 -5.24
N GLU B 21 -5.61 -19.62 -6.05
CA GLU B 21 -4.42 -20.43 -6.07
C GLU B 21 -3.49 -19.93 -7.16
N ILE B 22 -2.23 -19.72 -6.82
CA ILE B 22 -1.28 -19.07 -7.71
C ILE B 22 -0.26 -20.11 -8.15
N HIS B 23 -0.23 -20.41 -9.45
CA HIS B 23 0.71 -21.41 -9.98
C HIS B 23 1.89 -20.74 -10.67
N GLY B 24 3.00 -21.47 -10.75
CA GLY B 24 4.16 -20.98 -11.46
C GLY B 24 5.07 -20.10 -10.65
N VAL B 25 4.91 -20.09 -9.33
CA VAL B 25 5.70 -19.30 -8.40
C VAL B 25 6.58 -20.24 -7.59
N ARG B 26 7.83 -19.85 -7.38
CA ARG B 26 8.71 -20.52 -6.43
C ARG B 26 9.06 -19.51 -5.35
N LEU B 27 8.65 -19.78 -4.11
CA LEU B 27 8.91 -18.83 -3.03
C LEU B 27 10.38 -18.80 -2.63
N GLU B 28 11.09 -19.92 -2.79
CA GLU B 28 12.42 -20.06 -2.18
C GLU B 28 13.33 -18.87 -2.50
N ASP B 29 13.42 -18.50 -3.76
CA ASP B 29 14.28 -17.38 -4.15
C ASP B 29 13.48 -16.33 -4.93
N ILE B 30 12.27 -16.07 -4.48
CA ILE B 30 11.39 -15.15 -5.19
C ILE B 30 12.06 -13.79 -5.39
N THR B 31 11.87 -13.22 -6.56
CA THR B 31 12.42 -11.89 -6.85
C THR B 31 11.56 -10.80 -6.19
N ASP B 32 12.11 -9.59 -6.13
CA ASP B 32 11.32 -8.44 -5.67
C ASP B 32 10.08 -8.27 -6.52
N ALA B 33 10.23 -8.35 -7.85
CA ALA B 33 9.10 -8.13 -8.75
C ALA B 33 8.02 -9.19 -8.56
N ASP B 34 8.41 -10.45 -8.35
CA ASP B 34 7.39 -11.49 -8.13
C ASP B 34 6.73 -11.32 -6.78
N PHE B 35 7.48 -10.87 -5.76
CA PHE B 35 6.84 -10.63 -4.48
C PHE B 35 5.80 -9.52 -4.59
N ALA B 36 6.16 -8.44 -5.27
CA ALA B 36 5.22 -7.34 -5.40
C ALA B 36 3.94 -7.80 -6.05
N GLU B 37 4.04 -8.72 -7.00
CA GLU B 37 2.85 -9.26 -7.65
C GLU B 37 2.03 -10.11 -6.69
N LEU B 38 2.68 -10.96 -5.88
CA LEU B 38 1.94 -11.72 -4.87
C LEU B 38 1.22 -10.80 -3.89
N ARG B 39 1.86 -9.70 -3.49
CA ARG B 39 1.22 -8.78 -2.58
C ARG B 39 -0.02 -8.12 -3.22
N ARG B 40 0.07 -7.76 -4.50
CA ARG B 40 -1.13 -7.25 -5.16
C ARG B 40 -2.21 -8.31 -5.26
N LEU B 41 -1.82 -9.56 -5.48
CA LEU B 41 -2.85 -10.60 -5.54
C LEU B 41 -3.50 -10.80 -4.18
N LEU B 42 -2.76 -10.60 -3.11
CA LEU B 42 -3.32 -10.68 -1.77
C LEU B 42 -4.32 -9.54 -1.54
N LEU B 43 -3.99 -8.33 -1.97
CA LEU B 43 -4.93 -7.23 -1.80
C LEU B 43 -6.19 -7.42 -2.64
N LYS B 44 -6.11 -8.16 -3.74
CA LYS B 44 -7.27 -8.41 -4.57
C LYS B 44 -8.08 -9.61 -4.10
N HIS B 45 -7.42 -10.69 -3.67
CA HIS B 45 -8.12 -11.94 -3.39
C HIS B 45 -8.22 -12.28 -1.90
N LEU B 46 -7.56 -11.51 -1.02
CA LEU B 46 -7.66 -11.59 0.44
C LEU B 46 -6.95 -12.81 1.03
N VAL B 47 -7.01 -13.96 0.37
CA VAL B 47 -6.21 -15.12 0.75
C VAL B 47 -5.73 -15.77 -0.52
N ILE B 48 -4.44 -16.10 -0.59
CA ILE B 48 -3.89 -16.76 -1.74
C ILE B 48 -3.19 -18.04 -1.29
N PHE B 49 -3.14 -18.99 -2.21
CA PHE B 49 -2.61 -20.32 -1.94
C PHE B 49 -1.53 -20.63 -2.94
N ILE B 50 -0.39 -21.06 -2.45
CA ILE B 50 0.80 -21.31 -3.26
C ILE B 50 1.14 -22.79 -3.14
N PRO B 51 0.80 -23.60 -4.14
CA PRO B 51 1.05 -25.04 -4.01
C PRO B 51 2.48 -25.39 -4.33
N ASP B 52 2.88 -26.58 -3.87
CA ASP B 52 4.13 -27.24 -4.30
C ASP B 52 5.39 -26.55 -3.76
N GLN B 53 5.34 -26.04 -2.53
CA GLN B 53 6.47 -25.35 -1.95
C GLN B 53 7.23 -26.22 -0.94
N GLU B 54 7.13 -27.55 -1.04
CA GLU B 54 7.86 -28.44 -0.16
C GLU B 54 9.34 -28.07 -0.11
N GLY B 55 9.90 -28.05 1.10
CA GLY B 55 11.30 -27.79 1.26
C GLY B 55 11.67 -26.33 1.42
N TRP B 56 10.70 -25.43 1.39
CA TRP B 56 10.95 -24.01 1.58
C TRP B 56 11.79 -23.76 2.81
N SER B 57 12.96 -23.15 2.62
CA SER B 57 13.91 -23.07 3.72
C SER B 57 13.43 -22.07 4.78
N ALA B 58 13.92 -22.27 6.00
CA ALA B 58 13.55 -21.42 7.12
C ALA B 58 13.95 -19.97 6.87
N GLU B 59 15.16 -19.76 6.35
CA GLU B 59 15.63 -18.40 6.12
C GLU B 59 14.78 -17.71 5.06
N SER B 60 14.37 -18.45 4.03
CA SER B 60 13.55 -17.85 2.99
C SER B 60 12.15 -17.56 3.48
N ARG B 61 11.59 -18.44 4.33
CA ARG B 61 10.26 -18.20 4.88
C ARG B 61 10.23 -16.94 5.72
N ILE B 62 11.26 -16.72 6.52
CA ILE B 62 11.32 -15.53 7.38
C ILE B 62 11.53 -14.28 6.53
N ALA B 63 12.42 -14.35 5.54
CA ALA B 63 12.63 -13.21 4.66
C ALA B 63 11.34 -12.82 3.97
N PHE B 64 10.61 -13.81 3.48
CA PHE B 64 9.35 -13.55 2.80
C PHE B 64 8.39 -12.82 3.72
N GLY B 65 8.20 -13.34 4.94
CA GLY B 65 7.31 -12.68 5.88
C GLY B 65 7.74 -11.27 6.17
N ARG B 66 9.05 -11.04 6.31
CA ARG B 66 9.53 -9.72 6.64
C ARG B 66 9.33 -8.74 5.50
N ARG B 67 9.04 -9.22 4.29
CA ARG B 67 8.71 -8.29 3.22
C ARG B 67 7.38 -7.62 3.50
N PHE B 68 6.55 -8.20 4.35
CA PHE B 68 5.26 -7.63 4.70
C PHE B 68 5.30 -6.75 5.94
N GLY B 69 6.20 -7.03 6.88
CA GLY B 69 6.28 -6.25 8.08
C GLY B 69 7.04 -7.01 9.15
N GLU B 70 6.90 -6.54 10.38
CA GLU B 70 7.55 -7.16 11.52
C GLU B 70 6.89 -8.48 11.87
N LEU B 71 7.70 -9.47 12.21
CA LEU B 71 7.21 -10.82 12.47
C LEU B 71 7.09 -11.04 13.96
N GLU B 72 6.01 -11.68 14.36
CA GLU B 72 5.82 -12.05 15.75
C GLU B 72 6.87 -13.08 16.19
N GLU B 73 7.42 -12.84 17.37
CA GLU B 73 8.29 -13.80 18.05
C GLU B 73 7.58 -14.09 19.36
N HIS B 74 6.64 -15.03 19.29
CA HIS B 74 5.77 -15.30 20.42
C HIS B 74 6.61 -15.79 21.59
N ALA B 75 6.29 -15.29 22.78
CA ALA B 75 7.04 -15.66 23.97
C ALA B 75 6.94 -17.16 24.28
N TYR B 76 5.76 -17.76 24.10
CA TYR B 76 5.50 -19.10 24.63
C TYR B 76 5.14 -20.16 23.59
N LEU B 77 4.39 -19.81 22.56
CA LEU B 77 4.05 -20.79 21.53
C LEU B 77 5.33 -21.40 20.98
N PRO B 78 5.36 -22.71 20.73
CA PRO B 78 6.60 -23.34 20.29
C PRO B 78 7.06 -22.78 18.96
N HIS B 79 8.37 -22.76 18.74
CA HIS B 79 8.89 -22.34 17.45
C HIS B 79 9.92 -23.35 16.96
N LEU B 80 10.14 -23.31 15.65
CA LEU B 80 11.15 -24.15 15.03
C LEU B 80 12.51 -23.91 15.68
N ASP B 81 13.29 -24.99 15.81
CA ASP B 81 14.62 -24.89 16.38
C ASP B 81 15.45 -23.90 15.59
N GLY B 82 16.01 -22.91 16.29
CA GLY B 82 16.84 -21.91 15.70
C GLY B 82 16.14 -20.70 15.12
N HIS B 83 14.80 -20.69 15.11
CA HIS B 83 14.04 -19.66 14.38
C HIS B 83 12.79 -19.25 15.15
N PRO B 84 12.90 -18.24 16.01
CA PRO B 84 11.77 -17.82 16.84
C PRO B 84 10.58 -17.29 16.08
N GLN B 85 10.75 -16.93 14.80
CA GLN B 85 9.66 -16.39 13.99
C GLN B 85 8.79 -17.46 13.36
N ILE B 86 9.23 -18.71 13.32
CA ILE B 86 8.47 -19.77 12.66
C ILE B 86 7.78 -20.57 13.76
N GLN B 87 6.48 -20.31 13.93
CA GLN B 87 5.71 -20.95 14.97
C GLN B 87 5.24 -22.32 14.53
N ILE B 88 5.25 -23.26 15.46
CA ILE B 88 4.79 -24.64 15.23
C ILE B 88 3.37 -24.75 15.74
N ILE B 89 2.44 -25.15 14.87
CA ILE B 89 1.04 -25.33 15.23
C ILE B 89 0.76 -26.83 15.16
N ASP B 90 0.36 -27.43 16.27
CA ASP B 90 0.10 -28.87 16.35
C ASP B 90 -1.31 -29.11 16.87
N SER B 91 -2.08 -29.91 16.14
CA SER B 91 -3.44 -30.25 16.59
C SER B 91 -3.42 -30.88 17.96
N GLU B 92 -2.37 -31.64 18.27
CA GLU B 92 -2.27 -32.30 19.57
C GLU B 92 -1.84 -31.31 20.65
N GLN B 93 -0.77 -30.55 20.39
CA GLN B 93 -0.22 -29.67 21.42
C GLN B 93 -1.23 -28.63 21.86
N ASN B 94 -2.08 -28.17 20.94
CA ASN B 94 -3.08 -27.17 21.27
C ASN B 94 -4.42 -27.54 20.62
N LYS B 96 -7.20 -26.52 17.79
CA LYS B 96 -8.26 -26.68 16.79
C LYS B 96 -9.33 -25.58 16.84
N ILE B 97 -10.26 -25.73 17.78
CA ILE B 97 -11.44 -24.89 17.97
C ILE B 97 -12.04 -24.41 16.65
N PRO B 98 -13.15 -25.01 16.20
CA PRO B 98 -13.81 -24.55 14.97
C PRO B 98 -14.80 -23.42 15.26
N ILE B 99 -14.37 -22.19 15.02
CA ILE B 99 -15.19 -21.02 15.28
C ILE B 99 -14.70 -19.95 14.32
N TRP B 100 -15.62 -19.20 13.74
CA TRP B 100 -15.23 -18.08 12.90
C TRP B 100 -14.54 -17.00 13.71
N HIS B 101 -13.38 -16.55 13.22
CA HIS B 101 -12.62 -15.57 13.98
C HIS B 101 -11.73 -14.76 13.05
N THR B 102 -11.32 -13.61 13.56
CA THR B 102 -10.22 -12.82 13.03
C THR B 102 -9.15 -12.82 14.12
N ASP B 103 -7.89 -13.01 13.74
CA ASP B 103 -6.86 -13.28 14.73
C ASP B 103 -6.62 -12.09 15.65
N MET B 104 -6.65 -12.38 16.95
CA MET B 104 -6.18 -11.51 18.01
C MET B 104 -6.88 -10.15 18.03
N THR B 105 -8.18 -10.12 17.70
CA THR B 105 -8.87 -8.82 17.72
C THR B 105 -9.15 -8.33 19.14
N TYR B 106 -8.95 -9.17 20.14
CA TYR B 106 -8.93 -8.76 21.54
C TYR B 106 -7.71 -7.93 21.91
N ALA B 107 -6.82 -7.70 21.00
CA ALA B 107 -5.67 -6.85 21.25
C ALA B 107 -5.82 -5.55 20.46
N PRO B 108 -5.20 -4.47 20.92
CA PRO B 108 -5.34 -3.20 20.19
C PRO B 108 -4.72 -3.23 18.81
N ASN B 109 -3.66 -4.04 18.61
CA ASN B 109 -2.97 -4.15 17.32
C ASN B 109 -2.94 -5.62 16.90
N PRO B 110 -4.01 -6.10 16.28
CA PRO B 110 -3.99 -7.46 15.74
C PRO B 110 -2.98 -7.59 14.62
N PRO B 111 -2.69 -8.81 14.20
CA PRO B 111 -1.78 -8.99 13.05
C PRO B 111 -2.36 -8.47 11.76
N ILE B 112 -1.47 -8.07 10.86
CA ILE B 112 -1.84 -7.75 9.49
C ILE B 112 -2.21 -9.01 8.72
N GLY B 113 -1.51 -10.11 8.97
CA GLY B 113 -1.79 -11.35 8.25
C GLY B 113 -0.83 -12.42 8.66
N SER B 114 -0.94 -13.56 7.99
CA SER B 114 -0.17 -14.75 8.33
C SER B 114 0.19 -15.53 7.07
N VAL B 115 1.27 -16.31 7.19
CA VAL B 115 1.73 -17.27 6.19
C VAL B 115 1.75 -18.63 6.87
N LEU B 116 0.95 -19.57 6.37
CA LEU B 116 0.75 -20.86 7.01
C LEU B 116 1.01 -21.97 6.01
N GLN B 117 1.77 -22.97 6.43
CA GLN B 117 1.97 -24.15 5.62
C GLN B 117 1.69 -25.37 6.49
N ILE B 118 0.80 -26.25 6.04
CA ILE B 118 0.45 -27.46 6.80
C ILE B 118 1.42 -28.54 6.33
N VAL B 119 2.41 -28.87 7.18
CA VAL B 119 3.47 -29.77 6.78
C VAL B 119 3.14 -31.23 7.10
N ASP B 120 2.27 -31.49 8.09
CA ASP B 120 1.78 -32.84 8.35
C ASP B 120 0.29 -32.84 8.61
N GLY B 121 -0.43 -33.77 7.97
CA GLY B 121 -1.86 -33.89 8.18
C GLY B 121 -2.51 -34.96 7.32
N PRO B 122 -3.81 -35.16 7.50
CA PRO B 122 -4.51 -36.17 6.69
C PRO B 122 -4.74 -35.68 5.26
N ALA B 123 -4.93 -36.68 4.37
CA ALA B 123 -5.16 -36.38 2.95
C ALA B 123 -6.49 -35.67 2.76
N GLN B 124 -7.49 -36.01 3.56
CA GLN B 124 -8.74 -35.27 3.61
C GLN B 124 -9.03 -34.95 5.06
N GLY B 125 -9.75 -33.86 5.28
CA GLY B 125 -9.95 -33.44 6.65
C GLY B 125 -9.11 -32.22 6.99
N GLY B 126 -9.67 -31.37 7.83
CA GLY B 126 -8.95 -30.20 8.31
C GLY B 126 -8.91 -29.04 7.35
N ASP B 127 -9.88 -28.92 6.45
CA ASP B 127 -9.97 -27.76 5.57
C ASP B 127 -10.02 -26.47 6.39
N THR B 128 -9.60 -25.37 5.76
CA THR B 128 -9.76 -24.04 6.33
C THR B 128 -10.65 -23.21 5.42
N MET B 129 -11.54 -22.43 6.04
CA MET B 129 -12.41 -21.53 5.32
C MET B 129 -12.02 -20.09 5.67
N TRP B 130 -12.20 -19.19 4.69
CA TRP B 130 -12.04 -17.77 4.90
C TRP B 130 -13.28 -17.05 4.41
N SER B 131 -13.54 -15.87 4.97
CA SER B 131 -14.69 -15.04 4.60
C SER B 131 -14.24 -13.63 4.23
N ASN B 132 -15.04 -12.97 3.39
CA ASN B 132 -14.72 -11.64 2.86
C ASN B 132 -15.53 -10.59 3.62
N GLN B 133 -14.86 -9.87 4.53
CA GLN B 133 -15.57 -8.88 5.34
C GLN B 133 -15.93 -7.61 4.57
N TYR B 134 -15.34 -7.37 3.38
CA TYR B 134 -15.82 -6.27 2.56
C TYR B 134 -17.24 -6.55 2.11
N LEU B 135 -17.45 -7.78 1.64
CA LEU B 135 -18.75 -8.15 1.10
C LEU B 135 -19.79 -8.26 2.21
N ALA B 136 -19.35 -8.64 3.41
CA ALA B 136 -20.26 -8.73 4.54
C ALA B 136 -20.81 -7.36 4.91
N TYR B 137 -19.97 -6.33 4.81
CA TYR B 137 -20.44 -4.96 5.03
C TYR B 137 -21.26 -4.46 3.85
N GLU B 138 -20.75 -4.64 2.64
CA GLU B 138 -21.41 -4.10 1.46
C GLU B 138 -22.78 -4.71 1.25
N GLY B 139 -22.99 -5.95 1.72
CA GLY B 139 -24.26 -6.63 1.55
C GLY B 139 -25.33 -6.21 2.52
N LEU B 140 -24.98 -5.38 3.50
CA LEU B 140 -25.96 -4.81 4.41
C LEU B 140 -26.67 -3.66 3.71
N SER B 141 -27.95 -3.48 4.02
CA SER B 141 -28.69 -2.38 3.40
C SER B 141 -28.20 -1.04 3.95
N ALA B 142 -28.52 0.02 3.21
CA ALA B 142 -27.99 1.34 3.54
C ALA B 142 -28.28 1.81 4.96
N PRO B 143 -29.49 1.66 5.51
CA PRO B 143 -29.71 2.12 6.90
C PRO B 143 -28.81 1.41 7.89
N LEU B 144 -28.53 0.13 7.66
CA LEU B 144 -27.71 -0.62 8.61
C LEU B 144 -26.23 -0.32 8.44
N ARG B 145 -25.77 -0.11 7.19
CA ARG B 145 -24.38 0.33 7.02
C ARG B 145 -24.16 1.67 7.73
N ASP B 146 -25.12 2.58 7.60
N ASP B 146 -25.11 2.59 7.58
CA ASP B 146 -24.98 3.88 8.22
CA ASP B 146 -24.99 3.90 8.22
C ASP B 146 -24.94 3.78 9.74
C ASP B 146 -24.93 3.76 9.74
N LEU B 147 -25.74 2.88 10.31
CA LEU B 147 -25.69 2.66 11.76
C LEU B 147 -24.32 2.11 12.17
N LEU B 148 -23.86 1.07 11.49
CA LEU B 148 -22.62 0.43 11.92
C LEU B 148 -21.43 1.35 11.78
N ASP B 149 -21.42 2.21 10.77
CA ASP B 149 -20.33 3.16 10.57
C ASP B 149 -20.01 3.95 11.82
N GLY B 150 -21.00 4.21 12.66
CA GLY B 150 -20.81 5.00 13.84
C GLY B 150 -20.68 4.24 15.14
N LEU B 151 -20.51 2.92 15.10
CA LEU B 151 -20.42 2.08 16.29
C LEU B 151 -19.00 1.53 16.47
N THR B 152 -18.70 1.18 17.70
CA THR B 152 -17.50 0.42 18.05
C THR B 152 -17.92 -0.81 18.84
N ALA B 153 -16.98 -1.76 18.98
CA ALA B 153 -17.23 -2.98 19.73
C ALA B 153 -16.01 -3.33 20.56
N VAL B 154 -16.29 -3.88 21.74
CA VAL B 154 -15.28 -4.47 22.61
C VAL B 154 -15.05 -5.91 22.22
N HIS B 155 -13.78 -6.25 22.02
CA HIS B 155 -13.31 -7.60 21.79
C HIS B 155 -12.52 -8.04 23.01
N SER B 156 -12.67 -9.29 23.43
CA SER B 156 -12.02 -9.68 24.67
C SER B 156 -11.76 -11.19 24.69
N ILE B 157 -10.82 -11.58 25.55
CA ILE B 157 -10.52 -12.97 25.82
C ILE B 157 -10.15 -13.08 27.29
N HIS B 158 -10.59 -14.17 27.93
CA HIS B 158 -10.27 -14.42 29.34
C HIS B 158 -10.09 -15.93 29.47
N ILE B 159 -8.85 -16.38 29.33
CA ILE B 159 -8.50 -17.79 29.50
C ILE B 159 -7.31 -17.85 30.43
N PRO B 160 -7.02 -19.04 30.98
CA PRO B 160 -5.80 -19.17 31.78
C PRO B 160 -4.59 -18.72 30.98
N GLY B 161 -3.84 -17.74 31.53
CA GLY B 161 -2.66 -17.21 30.88
C GLY B 161 -2.85 -16.00 30.00
N LEU B 162 -4.08 -15.60 29.71
CA LEU B 162 -4.32 -14.50 28.77
C LEU B 162 -5.64 -13.80 29.10
N ASP B 163 -5.53 -12.51 29.45
CA ASP B 163 -6.68 -11.64 29.63
C ASP B 163 -6.41 -10.37 28.83
N SER B 164 -7.29 -10.06 27.88
CA SER B 164 -7.02 -8.93 27.00
C SER B 164 -8.36 -8.44 26.48
N GLN B 165 -8.52 -7.12 26.37
CA GLN B 165 -9.65 -6.57 25.66
C GLN B 165 -9.22 -5.33 24.90
N ALA B 166 -9.99 -5.00 23.87
CA ALA B 166 -9.69 -3.87 23.00
C ALA B 166 -10.97 -3.43 22.35
N GLU B 167 -11.05 -2.14 22.05
CA GLU B 167 -12.20 -1.55 21.39
C GLU B 167 -11.80 -1.20 19.97
N HIS B 168 -12.62 -1.59 19.00
CA HIS B 168 -12.35 -1.40 17.59
C HIS B 168 -13.60 -0.87 16.90
N PRO B 169 -13.45 -0.12 15.81
CA PRO B 169 -14.61 0.21 15.00
C PRO B 169 -15.30 -1.06 14.51
N VAL B 170 -16.63 -0.99 14.43
CA VAL B 170 -17.40 -2.08 13.82
C VAL B 170 -17.14 -2.17 12.31
N VAL B 171 -16.84 -1.04 11.68
CA VAL B 171 -16.52 -0.94 10.25
C VAL B 171 -15.18 -0.25 10.12
N ARG B 172 -14.20 -0.93 9.52
CA ARG B 172 -12.86 -0.37 9.38
C ARG B 172 -12.58 -0.15 7.90
N VAL B 173 -11.64 0.76 7.62
CA VAL B 173 -11.15 0.94 6.27
C VAL B 173 -9.87 0.13 6.13
N HIS B 174 -9.70 -0.54 5.00
CA HIS B 174 -8.43 -1.19 4.76
C HIS B 174 -7.41 -0.10 4.39
N PRO B 175 -6.30 0.03 5.11
CA PRO B 175 -5.43 1.19 4.85
C PRO B 175 -4.87 1.22 3.44
N GLU B 176 -4.73 0.07 2.78
CA GLU B 176 -4.05 0.01 1.50
C GLU B 176 -5.02 -0.08 0.33
N THR B 177 -6.29 -0.35 0.55
CA THR B 177 -7.26 -0.30 -0.53
C THR B 177 -8.25 0.83 -0.38
N GLY B 178 -8.46 1.34 0.82
CA GLY B 178 -9.45 2.38 1.03
C GLY B 178 -10.88 1.90 1.08
N ARG B 179 -11.11 0.60 1.04
CA ARG B 179 -12.44 0.01 1.05
C ARG B 179 -12.84 -0.40 2.46
N ARG B 180 -14.14 -0.27 2.76
CA ARG B 180 -14.65 -0.55 4.10
C ARG B 180 -15.06 -2.00 4.27
N ALA B 181 -14.80 -2.52 5.47
CA ALA B 181 -15.04 -3.91 5.81
C ALA B 181 -15.59 -4.00 7.23
N LEU B 182 -16.45 -4.99 7.43
CA LEU B 182 -16.91 -5.34 8.76
C LEU B 182 -15.74 -5.80 9.62
N PHE B 183 -15.77 -5.44 10.90
CA PHE B 183 -14.71 -5.84 11.81
C PHE B 183 -15.30 -6.33 13.13
N VAL B 184 -16.20 -7.30 13.04
CA VAL B 184 -16.62 -8.10 14.18
C VAL B 184 -16.49 -9.57 13.82
N ASN B 185 -16.31 -10.42 14.82
CA ASN B 185 -16.19 -11.85 14.59
C ASN B 185 -16.66 -12.61 15.81
N ARG B 186 -17.28 -13.76 15.54
CA ARG B 186 -17.93 -14.52 16.59
C ARG B 186 -16.99 -14.87 17.74
N ALA B 187 -15.74 -15.29 17.46
CA ALA B 187 -14.90 -15.83 18.54
C ALA B 187 -14.53 -14.75 19.56
N HIS B 188 -14.14 -13.56 19.08
CA HIS B 188 -13.54 -12.58 19.97
C HIS B 188 -14.36 -11.33 20.25
N THR B 189 -15.35 -10.98 19.42
CA THR B 189 -16.13 -9.81 19.72
C THR B 189 -17.06 -10.09 20.90
N SER B 190 -17.09 -9.17 21.87
CA SER B 190 -18.00 -9.30 23.01
C SER B 190 -19.33 -8.59 22.76
N HIS B 191 -19.29 -7.30 22.51
CA HIS B 191 -20.49 -6.48 22.47
C HIS B 191 -20.19 -5.14 21.81
N ILE B 192 -21.22 -4.57 21.23
CA ILE B 192 -21.17 -3.22 20.66
C ILE B 192 -21.29 -2.21 21.81
N ALA B 193 -20.41 -1.21 21.81
CA ALA B 193 -20.26 -0.38 23.00
C ALA B 193 -21.39 0.63 23.20
N GLN B 194 -21.98 1.13 22.12
CA GLN B 194 -22.98 2.20 22.20
C GLN B 194 -24.42 1.68 22.33
N LEU B 195 -24.61 0.38 22.26
CA LEU B 195 -25.91 -0.26 22.43
C LEU B 195 -25.98 -0.92 23.81
N ASN B 196 -27.20 -1.19 24.28
CA ASN B 196 -27.22 -2.03 25.48
C ASN B 196 -26.91 -3.47 25.05
N ARG B 197 -26.60 -4.33 26.04
CA ARG B 197 -26.09 -5.67 25.72
C ARG B 197 -27.10 -6.50 24.94
N ASN B 198 -28.39 -6.35 25.27
CA ASN B 198 -29.41 -7.13 24.57
C ASN B 198 -29.56 -6.72 23.11
N GLU B 199 -29.53 -5.41 22.83
CA GLU B 199 -29.55 -4.95 21.45
C GLU B 199 -28.31 -5.42 20.70
N SER B 200 -27.16 -5.37 21.36
CA SER B 200 -25.89 -5.81 20.79
C SER B 200 -25.96 -7.28 20.41
N ASP B 201 -26.45 -8.12 21.32
CA ASP B 201 -26.61 -9.55 21.03
C ASP B 201 -27.41 -9.77 19.74
N ALA B 202 -28.54 -9.06 19.62
CA ALA B 202 -29.42 -9.26 18.48
C ALA B 202 -28.76 -8.84 17.18
N LEU B 203 -28.07 -7.71 17.20
CA LEU B 203 -27.43 -7.24 15.98
C LEU B 203 -26.20 -8.09 15.63
N LEU B 204 -25.40 -8.44 16.63
CA LEU B 204 -24.23 -9.27 16.35
C LEU B 204 -24.65 -10.65 15.87
N GLN B 205 -25.70 -11.24 16.45
CA GLN B 205 -26.17 -12.54 15.98
CA GLN B 205 -26.15 -12.55 15.98
C GLN B 205 -26.46 -12.51 14.49
N TYR B 206 -27.13 -11.44 14.03
CA TYR B 206 -27.44 -11.30 12.61
C TYR B 206 -26.16 -11.14 11.78
N LEU B 207 -25.27 -10.25 12.24
CA LEU B 207 -24.04 -9.98 11.48
C LEU B 207 -23.14 -11.21 11.38
N TYR B 208 -23.01 -11.98 12.46
CA TYR B 208 -22.13 -13.14 12.42
C TYR B 208 -22.58 -14.15 11.36
N ARG B 209 -23.87 -14.50 11.38
CA ARG B 209 -24.42 -15.41 10.37
C ARG B 209 -24.33 -14.82 8.96
N PHE B 210 -24.76 -13.58 8.79
CA PHE B 210 -24.72 -12.97 7.47
C PHE B 210 -23.31 -12.94 6.90
N SER B 211 -22.33 -12.59 7.73
CA SER B 211 -20.96 -12.35 7.28
C SER B 211 -20.27 -13.63 6.85
N THR B 212 -20.78 -14.79 7.25
CA THR B 212 -20.19 -16.08 6.89
C THR B 212 -21.12 -16.91 5.98
N SER B 213 -22.01 -16.24 5.25
CA SER B 213 -22.85 -16.82 4.21
C SER B 213 -21.97 -17.52 3.18
N PRO B 214 -22.45 -18.62 2.57
CA PRO B 214 -21.62 -19.31 1.57
C PRO B 214 -21.18 -18.41 0.42
N GLU B 215 -21.99 -17.41 0.07
CA GLU B 215 -21.66 -16.47 -0.98
C GLU B 215 -20.47 -15.56 -0.66
N PHE B 216 -20.05 -15.50 0.60
CA PHE B 216 -18.93 -14.67 1.04
C PHE B 216 -17.70 -15.46 1.46
N THR B 217 -17.69 -16.79 1.33
CA THR B 217 -16.62 -17.62 1.85
C THR B 217 -15.98 -18.49 0.77
N CYS B 218 -14.87 -19.12 1.15
CA CYS B 218 -14.23 -20.15 0.35
C CYS B 218 -13.73 -21.23 1.30
N ARG B 219 -13.48 -22.42 0.74
CA ARG B 219 -13.05 -23.57 1.52
C ARG B 219 -11.85 -24.20 0.82
N TYR B 220 -10.72 -24.31 1.53
CA TYR B 220 -9.48 -24.82 0.98
C TYR B 220 -9.07 -26.14 1.61
N GLN B 221 -8.76 -27.13 0.74
CA GLN B 221 -8.25 -28.42 1.15
C GLN B 221 -6.72 -28.41 1.06
N TRP B 222 -6.07 -28.61 2.20
CA TRP B 222 -4.62 -28.58 2.28
C TRP B 222 -4.00 -29.78 1.59
N ARG B 223 -2.87 -29.56 0.94
N ARG B 223 -2.86 -29.57 0.95
CA ARG B 223 -2.08 -30.61 0.32
CA ARG B 223 -2.09 -30.62 0.32
C ARG B 223 -0.64 -30.43 0.73
C ARG B 223 -0.63 -30.42 0.68
N PRO B 224 0.17 -31.47 0.64
CA PRO B 224 1.59 -31.33 0.96
C PRO B 224 2.19 -30.18 0.17
N GLY B 225 2.91 -29.32 0.88
CA GLY B 225 3.64 -28.23 0.27
C GLY B 225 2.83 -26.97 0.04
N SER B 226 1.53 -26.97 0.37
CA SER B 226 0.69 -25.80 0.14
C SER B 226 0.92 -24.73 1.19
N VAL B 227 0.99 -23.48 0.73
CA VAL B 227 1.17 -22.30 1.57
C VAL B 227 -0.05 -21.40 1.38
N ALA B 228 -0.66 -20.98 2.47
CA ALA B 228 -1.71 -20.00 2.44
C ALA B 228 -1.20 -18.70 3.05
N ILE B 229 -1.51 -17.60 2.40
CA ILE B 229 -1.16 -16.27 2.86
C ILE B 229 -2.45 -15.48 2.92
N TRP B 230 -2.79 -14.90 4.07
CA TRP B 230 -4.04 -14.16 4.14
C TRP B 230 -3.89 -12.84 4.87
N ASP B 231 -4.77 -11.93 4.50
CA ASP B 231 -4.90 -10.60 5.08
C ASP B 231 -5.90 -10.65 6.23
N ASN B 232 -5.39 -10.55 7.45
CA ASN B 232 -6.23 -10.61 8.64
C ASN B 232 -7.07 -9.35 8.84
N ARG B 233 -6.83 -8.29 8.06
CA ARG B 233 -7.57 -7.05 8.30
C ARG B 233 -9.00 -7.10 7.79
N VAL B 234 -9.28 -7.93 6.80
CA VAL B 234 -10.56 -7.93 6.11
C VAL B 234 -11.13 -9.32 5.89
N THR B 235 -10.66 -10.31 6.66
CA THR B 235 -11.18 -11.67 6.59
C THR B 235 -11.48 -12.20 7.98
N GLN B 236 -12.34 -13.22 8.00
CA GLN B 236 -12.39 -14.19 9.08
C GLN B 236 -11.93 -15.52 8.53
N HIS B 237 -11.60 -16.45 9.44
CA HIS B 237 -11.33 -17.82 9.03
C HIS B 237 -11.84 -18.80 10.08
N TYR B 238 -11.86 -20.07 9.67
CA TYR B 238 -12.53 -21.15 10.40
C TYR B 238 -11.79 -22.43 10.05
N ALA B 239 -11.31 -23.13 11.07
CA ALA B 239 -10.65 -24.43 10.91
C ALA B 239 -11.64 -25.58 11.13
N VAL B 240 -11.94 -26.33 10.07
CA VAL B 240 -12.94 -27.39 10.15
C VAL B 240 -12.43 -28.52 11.05
N ASP B 241 -13.29 -28.96 11.98
CA ASP B 241 -12.90 -29.93 13.00
C ASP B 241 -13.47 -31.31 12.65
N ASP B 242 -12.89 -31.93 11.61
CA ASP B 242 -13.40 -33.18 11.08
C ASP B 242 -12.30 -34.23 10.92
N TYR B 243 -11.24 -34.16 11.71
CA TYR B 243 -10.15 -35.12 11.58
C TYR B 243 -9.63 -35.48 12.96
N SER B 244 -8.99 -36.65 13.06
CA SER B 244 -8.34 -37.07 14.28
C SER B 244 -6.84 -37.31 14.12
N GLU B 245 -6.32 -37.28 12.90
CA GLU B 245 -4.90 -37.48 12.70
C GLU B 245 -4.12 -36.32 13.25
N HIS B 246 -2.82 -36.55 13.46
CA HIS B 246 -1.91 -35.47 13.80
C HIS B 246 -1.86 -34.48 12.65
N ARG B 247 -1.88 -33.19 12.98
CA ARG B 247 -1.84 -32.13 11.99
C ARG B 247 -0.90 -31.04 12.48
N ARG B 248 0.14 -30.76 11.69
CA ARG B 248 1.16 -29.79 12.05
C ARG B 248 1.32 -28.72 10.99
N GLY B 249 1.38 -27.46 11.41
CA GLY B 249 1.65 -26.36 10.51
C GLY B 249 2.78 -25.48 11.00
N LEU B 250 3.47 -24.85 10.05
CA LEU B 250 4.46 -23.82 10.31
C LEU B 250 3.85 -22.47 9.98
N ARG B 251 3.97 -21.51 10.89
CA ARG B 251 3.26 -20.25 10.71
C ARG B 251 4.15 -19.08 11.05
N VAL B 252 4.11 -18.07 10.19
CA VAL B 252 4.76 -16.79 10.48
CA VAL B 252 4.76 -16.79 10.43
C VAL B 252 3.67 -15.73 10.49
N VAL B 253 3.73 -14.86 11.49
CA VAL B 253 2.67 -13.90 11.76
C VAL B 253 3.22 -12.49 11.61
N VAL B 254 2.58 -11.70 10.75
CA VAL B 254 2.98 -10.32 10.48
C VAL B 254 2.17 -9.39 11.37
N LEU B 255 2.88 -8.66 12.23
CA LEU B 255 2.24 -7.76 13.19
C LEU B 255 1.91 -6.43 12.55
N GLY B 256 1.07 -5.66 13.24
CA GLY B 256 1.07 -4.22 13.09
C GLY B 256 -0.20 -3.56 12.56
N ASP B 257 -1.36 -4.20 12.72
CA ASP B 257 -2.62 -3.57 12.31
C ASP B 257 -3.12 -2.59 13.37
N THR B 258 -3.78 -1.51 12.91
CA THR B 258 -4.56 -0.59 13.73
C THR B 258 -5.91 -0.40 13.05
N PRO B 259 -6.93 -1.17 13.42
CA PRO B 259 -8.25 -1.03 12.76
C PRO B 259 -8.84 0.35 12.98
N SER B 260 -9.12 1.05 11.89
CA SER B 260 -9.54 2.44 11.99
C SER B 260 -10.76 2.68 11.13
N GLY B 261 -11.67 3.49 11.63
CA GLY B 261 -12.90 3.84 10.92
C GLY B 261 -13.38 5.23 11.29
N ASP B 262 -14.70 5.43 11.18
CA ASP B 262 -15.29 6.71 11.55
C ASP B 262 -15.25 6.94 13.06
N LYS B 263 -15.26 8.22 13.44
CA LYS B 263 -15.50 8.54 14.83
C LYS B 263 -16.89 8.05 15.25
N PRO B 264 -17.02 7.43 16.42
CA PRO B 264 -18.34 7.00 16.89
C PRO B 264 -19.30 8.16 16.99
N ARG B 265 -20.56 7.92 16.62
CA ARG B 265 -21.55 8.98 16.58
C ARG B 265 -22.35 9.10 17.87
N TRP B 266 -22.11 8.21 18.83
CA TRP B 266 -22.81 8.16 20.10
C TRP B 266 -21.82 7.76 21.18
N ASP B 267 -22.16 8.11 22.43
CA ASP B 267 -21.40 7.71 23.60
C ASP B 267 -21.61 6.21 23.87
N HIS B 268 -20.73 5.66 24.69
CA HIS B 268 -20.98 4.31 25.21
C HIS B 268 -22.29 4.25 25.97
N TYR B 269 -22.99 3.14 25.84
CA TYR B 269 -24.14 2.88 26.69
C TYR B 269 -23.71 2.75 28.14
N ARG B 270 -24.41 3.45 29.03
CA ARG B 270 -24.11 3.45 30.46
C ARG B 270 -25.26 2.78 31.21
N PRO B 271 -25.05 1.64 31.86
CA PRO B 271 -26.12 1.04 32.66
C PRO B 271 -26.30 1.82 33.95
N VAL B 272 -27.44 1.60 34.61
CA VAL B 272 -27.68 2.21 35.91
C VAL B 272 -27.03 1.33 36.97
N PRO B 273 -26.77 1.84 38.17
CA PRO B 273 -26.18 0.99 39.22
C PRO B 273 -27.07 -0.20 39.52
N GLY B 274 -26.45 -1.36 39.67
CA GLY B 274 -27.17 -2.58 39.97
C GLY B 274 -27.85 -3.23 38.79
N GLN B 275 -27.82 -2.62 37.60
CA GLN B 275 -28.49 -3.21 36.45
C GLN B 275 -27.88 -4.55 36.10
N ARG B 276 -28.74 -5.51 35.78
CA ARG B 276 -28.33 -6.88 35.49
C ARG B 276 -28.57 -7.16 34.01
N TYR B 277 -27.59 -7.82 33.39
CA TYR B 277 -27.71 -8.27 32.01
C TYR B 277 -28.37 -9.64 32.02
N VAL B 278 -29.55 -9.71 31.41
CA VAL B 278 -30.26 -10.98 31.24
C VAL B 278 -30.31 -11.26 29.74
N PRO B 279 -29.47 -12.15 29.22
CA PRO B 279 -29.52 -12.43 27.77
C PRO B 279 -30.89 -12.94 27.35
N ASP B 280 -31.30 -12.54 26.15
CA ASP B 280 -32.55 -13.02 25.60
C ASP B 280 -32.44 -14.47 25.13
N TRP B 281 -31.24 -14.95 24.81
CA TRP B 281 -31.03 -16.31 24.33
C TRP B 281 -30.21 -17.10 25.34
N VAL B 282 -30.55 -18.38 25.50
CA VAL B 282 -29.89 -19.24 26.47
C VAL B 282 -28.48 -19.59 26.00
N ASN B 283 -27.51 -19.44 26.90
CA ASN B 283 -26.25 -20.16 26.84
C ASN B 283 -26.12 -20.95 28.14
N ALA B 284 -25.51 -22.14 28.05
CA ALA B 284 -25.26 -22.90 29.26
C ALA B 284 -24.29 -22.15 30.17
N LYS B 285 -24.35 -22.45 31.48
CA LYS B 285 -23.44 -21.82 32.43
C LYS B 285 -22.13 -22.57 32.56
N GLU B 286 -22.10 -23.82 32.15
CA GLU B 286 -20.94 -24.69 32.30
C GLU B 286 -20.56 -25.15 30.91
N ALA B 287 -19.30 -24.97 30.55
CA ALA B 287 -18.80 -25.48 29.28
C ALA B 287 -18.39 -26.95 29.48
N TYR B 288 -17.46 -27.45 28.69
CA TYR B 288 -17.07 -28.86 28.78
C TYR B 288 -15.85 -29.11 29.67
S1 MPO C . 1.57 5.33 -1.37
O1 MPO C . 3.01 5.44 -1.36
O2 MPO C . 1.00 5.11 -0.07
O4 MPO C . 4.45 10.99 -0.45
N1 MPO C . 2.96 9.70 -2.51
C1 MPO C . 0.93 6.86 -1.97
O3 MPO C . 1.14 4.31 -2.34
C2 MPO C . 1.77 7.49 -3.08
C3 MPO C . 1.74 9.01 -3.01
C4 MPO C . 3.67 8.94 -1.49
C5 MPO C . 4.85 9.73 -0.98
C6 MPO C . 3.78 11.72 -1.44
C7 MPO C . 2.58 10.99 -1.95
H11 MPO C . 0.03 6.70 -2.33
H12 MPO C . 0.87 7.49 -1.23
H21 MPO C . 2.69 7.19 -2.97
H22 MPO C . 1.43 7.20 -3.93
H31 MPO C . 1.00 9.25 -2.42
H32 MPO C . 1.56 9.34 -3.90
H41 MPO C . 3.06 8.75 -0.75
H42 MPO C . 3.97 8.10 -1.87
H51 MPO C . 5.29 9.21 -0.29
H52 MPO C . 5.46 9.87 -1.72
H61 MPO C . 4.38 11.88 -2.18
H62 MPO C . 3.51 12.57 -1.07
H71 MPO C . 2.14 11.53 -2.64
H72 MPO C . 1.95 10.85 -1.22
CO CO D . 11.47 18.14 -8.54
C1 SIN E . 8.16 23.77 -7.72
O1 SIN E . 8.98 24.59 -7.23
O2 SIN E . 7.06 24.19 -8.08
C2 SIN E . 8.46 22.30 -7.86
C3 SIN E . 9.96 22.13 -7.98
C4 SIN E . 10.28 20.67 -7.84
O3 SIN E . 11.00 20.09 -8.69
O4 SIN E . 9.84 20.05 -6.84
H21 SIN E . 8.11 21.77 -6.97
H22 SIN E . 7.95 21.89 -8.72
H31 SIN E . 10.29 22.49 -8.96
H32 SIN E . 10.48 22.71 -7.23
CO CO F . -6.72 -17.96 13.38
CO CO G . 12.87 -19.68 21.84
C1 SIN H . -5.91 -23.77 10.32
O1 SIN H . -6.44 -24.33 9.35
O2 SIN H . -5.33 -24.49 11.19
C2 SIN H . -6.00 -22.29 10.54
C3 SIN H . -6.15 -22.05 12.03
C4 SIN H . -5.97 -20.59 12.33
O3 SIN H . -4.98 -19.99 11.86
O4 SIN H . -6.78 -20.00 13.08
H21 SIN H . -6.86 -21.88 10.00
H22 SIN H . -5.11 -21.80 10.15
H31 SIN H . -7.13 -22.38 12.36
H32 SIN H . -5.40 -22.64 12.57
NA NA I . -31.16 -9.90 22.40
NA NA J . 10.32 -6.17 8.10
NA NA K . -4.38 2.39 10.76
#